data_7WEJ
#
_entry.id   7WEJ
#
_cell.length_a   57.384
_cell.length_b   75.762
_cell.length_c   170.023
_cell.angle_alpha   90.000
_cell.angle_beta   90.000
_cell.angle_gamma   90.000
#
_symmetry.space_group_name_H-M   'P 21 21 21'
#
_entity_poly.entity_id   1
_entity_poly.type   'polypeptide(L)'
_entity_poly.pdbx_seq_one_letter_code
;GPGS(MSE)TAEETVNVKEVEIIKLILDFLNSKKLHIS(MSE)LALEKESGVINGLFSDD(MSE)LFLRQLILDGQWDEV
LQFIQPLEC(MSE)EKFDKKRFRYIILKQKFLEALCVNNA(MSE)SAEDEPQHLEFT(MSE)QEAVQCLHALEEYCPSKD
DYSKLCLLLTLPRLTNHAEFKDWNPSTARVHCFEEVCV(MSE)VAEFIPADRKLSEAGFKASNNRLFQLV(MSE)KGLLY
ECCVEFCQSKATGEEITESEVLLGIDLLCGNGCDDLDLSLLSWLQNLPSSVFSCAFEQK(MSE)LNIHVDKLLKPTKAAY
ADLLTPLISKLSPYPSSP(MSE)RRPQSADAY(MSE)TRSL
;
_entity_poly.pdbx_strand_id   A,B
#
# COMPACT_ATOMS: atom_id res chain seq x y z
N GLU A 8 8.27 21.89 -28.10
CA GLU A 8 7.53 20.98 -27.22
C GLU A 8 8.39 19.79 -26.82
N GLU A 9 8.96 19.86 -25.61
CA GLU A 9 9.77 18.75 -25.10
C GLU A 9 8.90 17.83 -24.24
N THR A 10 9.42 16.62 -24.02
CA THR A 10 8.69 15.59 -23.30
C THR A 10 9.48 15.12 -22.09
N VAL A 11 8.76 14.80 -21.02
CA VAL A 11 9.34 14.24 -19.80
C VAL A 11 8.89 12.79 -19.68
N ASN A 12 9.72 11.98 -19.02
CA ASN A 12 9.43 10.57 -18.80
C ASN A 12 9.25 10.31 -17.32
N VAL A 13 8.19 9.57 -16.98
CA VAL A 13 7.85 9.27 -15.59
C VAL A 13 7.71 7.76 -15.45
N LYS A 14 8.51 7.18 -14.56
CA LYS A 14 8.43 5.76 -14.25
C LYS A 14 7.46 5.55 -13.09
N GLU A 15 6.39 4.79 -13.34
CA GLU A 15 5.46 4.46 -12.27
C GLU A 15 6.13 3.62 -11.19
N VAL A 16 7.24 2.94 -11.53
CA VAL A 16 8.02 2.22 -10.53
C VAL A 16 8.51 3.19 -9.46
N GLU A 17 8.94 4.38 -9.87
CA GLU A 17 9.43 5.36 -8.90
C GLU A 17 8.28 5.94 -8.07
N ILE A 18 7.10 6.10 -8.67
CA ILE A 18 5.93 6.53 -7.89
C ILE A 18 5.59 5.49 -6.83
N ILE A 19 5.65 4.21 -7.20
CA ILE A 19 5.42 3.15 -6.23
C ILE A 19 6.52 3.13 -5.17
N LYS A 20 7.75 3.49 -5.54
CA LYS A 20 8.81 3.63 -4.56
C LYS A 20 8.48 4.72 -3.54
N LEU A 21 7.97 5.86 -4.02
CA LEU A 21 7.55 6.92 -3.11
C LEU A 21 6.42 6.45 -2.20
N ILE A 22 5.45 5.72 -2.77
CA ILE A 22 4.35 5.19 -1.97
C ILE A 22 4.86 4.23 -0.91
N LEU A 23 5.84 3.40 -1.27
CA LEU A 23 6.40 2.44 -0.31
C LEU A 23 7.17 3.15 0.79
N ASP A 24 7.90 4.21 0.45
CA ASP A 24 8.56 5.02 1.47
C ASP A 24 7.53 5.62 2.43
N PHE A 25 6.43 6.15 1.88
CA PHE A 25 5.39 6.72 2.74
C PHE A 25 4.78 5.65 3.64
N LEU A 26 4.55 4.44 3.10
CA LEU A 26 3.97 3.37 3.90
C LEU A 26 4.91 2.95 5.01
N ASN A 27 6.21 2.87 4.72
CA ASN A 27 7.17 2.51 5.76
C ASN A 27 7.27 3.59 6.83
N SER A 28 7.14 4.86 6.42
CA SER A 28 7.25 5.95 7.39
C SER A 28 6.16 5.87 8.45
N LYS A 29 4.97 5.43 8.06
CA LYS A 29 3.84 5.33 8.98
C LYS A 29 3.69 3.93 9.57
N LYS A 30 4.67 3.05 9.34
CA LYS A 30 4.66 1.67 9.84
C LYS A 30 3.47 0.87 9.32
N LEU A 31 3.11 1.13 8.07
CA LEU A 31 2.08 0.34 7.38
C LEU A 31 2.75 -0.77 6.57
N HIS A 32 3.40 -1.68 7.28
CA HIS A 32 4.28 -2.66 6.66
C HIS A 32 3.54 -3.83 6.03
N ILE A 33 2.32 -4.13 6.47
CA ILE A 33 1.54 -5.18 5.82
C ILE A 33 1.22 -4.79 4.39
N SER A 34 0.62 -3.62 4.21
CA SER A 34 0.32 -3.12 2.87
C SER A 34 1.59 -2.83 2.09
N LEU A 36 4.48 -4.62 2.24
CA LEU A 36 4.89 -5.91 1.71
C LEU A 36 3.94 -6.38 0.61
N ALA A 37 2.64 -6.15 0.79
CA ALA A 37 1.69 -6.53 -0.25
C ALA A 37 1.97 -5.79 -1.56
N LEU A 38 2.25 -4.49 -1.47
CA LEU A 38 2.55 -3.70 -2.66
C LEU A 38 3.84 -4.16 -3.30
N GLU A 39 4.87 -4.43 -2.50
CA GLU A 39 6.13 -4.94 -3.04
C GLU A 39 5.91 -6.25 -3.79
N LYS A 40 5.20 -7.19 -3.17
CA LYS A 40 4.99 -8.49 -3.81
C LYS A 40 4.10 -8.38 -5.04
N GLU A 41 3.16 -7.43 -5.06
CA GLU A 41 2.22 -7.35 -6.18
C GLU A 41 2.79 -6.57 -7.35
N SER A 42 3.67 -5.59 -7.11
CA SER A 42 4.22 -4.77 -8.18
C SER A 42 5.64 -5.14 -8.57
N GLY A 43 6.30 -6.01 -7.82
CA GLY A 43 7.67 -6.34 -8.12
C GLY A 43 8.65 -5.19 -7.98
N VAL A 44 8.36 -4.26 -7.05
CA VAL A 44 9.18 -3.06 -6.88
C VAL A 44 9.69 -3.03 -5.44
N ILE A 45 10.99 -2.83 -5.29
CA ILE A 45 11.63 -2.69 -3.98
C ILE A 45 12.27 -1.31 -3.93
N ASN A 46 11.89 -0.53 -2.92
CA ASN A 46 12.43 0.83 -2.76
C ASN A 46 13.77 0.74 -2.06
N GLY A 47 14.84 0.80 -2.83
CA GLY A 47 16.18 0.74 -2.27
C GLY A 47 17.16 0.16 -3.27
N LEU A 48 18.43 0.36 -2.97
CA LEU A 48 19.53 -0.18 -3.78
C LEU A 48 20.13 -1.36 -3.03
N PHE A 49 19.83 -2.57 -3.49
CA PHE A 49 20.30 -3.78 -2.86
C PHE A 49 20.92 -4.70 -3.90
N SER A 50 21.94 -5.44 -3.49
CA SER A 50 22.54 -6.45 -4.35
C SER A 50 21.61 -7.66 -4.49
N ASP A 51 21.97 -8.55 -5.40
CA ASP A 51 21.14 -9.73 -5.63
C ASP A 51 21.12 -10.65 -4.41
N ASP A 52 22.20 -10.66 -3.62
CA ASP A 52 22.19 -11.41 -2.37
C ASP A 52 21.40 -10.66 -1.30
N LEU A 54 18.90 -8.63 -1.82
CA LEU A 54 17.48 -8.77 -2.16
C LEU A 54 16.95 -10.14 -1.73
N PHE A 55 17.74 -11.19 -1.94
CA PHE A 55 17.30 -12.52 -1.53
C PHE A 55 17.22 -12.64 -0.02
N LEU A 56 18.15 -12.01 0.69
CA LEU A 56 18.08 -11.99 2.15
C LEU A 56 16.85 -11.24 2.63
N ARG A 57 16.54 -10.10 1.99
CA ARG A 57 15.31 -9.38 2.31
C ARG A 57 14.09 -10.24 2.09
N GLN A 58 14.04 -10.94 0.95
CA GLN A 58 12.90 -11.80 0.64
C GLN A 58 12.75 -12.90 1.69
N LEU A 59 13.86 -13.53 2.07
CA LEU A 59 13.81 -14.59 3.08
C LEU A 59 13.34 -14.07 4.42
N ILE A 60 13.89 -12.92 4.86
CA ILE A 60 13.53 -12.39 6.17
C ILE A 60 12.07 -11.95 6.20
N LEU A 61 11.59 -11.34 5.11
CA LEU A 61 10.21 -10.88 5.09
C LEU A 61 9.21 -12.02 4.93
N ASP A 62 9.62 -13.12 4.30
CA ASP A 62 8.75 -14.28 4.18
C ASP A 62 8.88 -15.24 5.36
N GLY A 63 9.61 -14.86 6.39
CA GLY A 63 9.71 -15.69 7.59
C GLY A 63 10.51 -16.96 7.42
N GLN A 64 11.39 -17.03 6.42
CA GLN A 64 12.22 -18.22 6.19
C GLN A 64 13.48 -18.09 7.02
N TRP A 65 13.35 -18.36 8.32
CA TRP A 65 14.44 -18.09 9.25
C TRP A 65 15.58 -19.10 9.10
N ASP A 66 15.24 -20.38 8.95
CA ASP A 66 16.28 -21.38 8.72
C ASP A 66 17.00 -21.13 7.39
N GLU A 67 16.26 -20.68 6.38
CA GLU A 67 16.89 -20.28 5.13
C GLU A 67 17.85 -19.11 5.33
N VAL A 68 17.48 -18.16 6.19
CA VAL A 68 18.37 -17.05 6.49
C VAL A 68 19.64 -17.54 7.18
N LEU A 69 19.48 -18.45 8.14
CA LEU A 69 20.64 -18.99 8.85
C LEU A 69 21.57 -19.74 7.90
N GLN A 70 21.00 -20.49 6.95
CA GLN A 70 21.82 -21.20 5.98
C GLN A 70 22.44 -20.25 4.96
N PHE A 71 21.79 -19.12 4.69
CA PHE A 71 22.27 -18.19 3.68
C PHE A 71 23.42 -17.34 4.20
N ILE A 72 23.31 -16.84 5.44
CA ILE A 72 24.36 -16.01 6.03
C ILE A 72 25.45 -16.86 6.71
N GLN A 73 25.33 -18.18 6.67
CA GLN A 73 26.37 -19.03 7.25
C GLN A 73 27.76 -18.78 6.67
N PRO A 74 27.96 -18.61 5.36
CA PRO A 74 29.32 -18.35 4.86
C PRO A 74 29.95 -17.09 5.42
N LEU A 75 29.19 -16.20 6.05
CA LEU A 75 29.75 -14.97 6.61
C LEU A 75 30.10 -15.10 8.09
N GLU A 76 29.80 -16.25 8.72
CA GLU A 76 30.07 -16.41 10.14
C GLU A 76 31.56 -16.44 10.45
N CYS A 77 32.41 -16.72 9.46
CA CYS A 77 33.84 -16.85 9.68
C CYS A 77 34.59 -15.52 9.63
N GLU A 79 35.92 -11.72 10.41
CA GLU A 79 36.24 -11.04 11.67
C GLU A 79 35.29 -9.87 11.92
N LYS A 80 35.04 -9.06 10.90
CA LYS A 80 34.15 -7.91 11.03
C LYS A 80 32.70 -8.33 10.86
N PHE A 81 32.29 -9.37 11.58
CA PHE A 81 30.91 -9.86 11.53
C PHE A 81 30.61 -10.56 12.84
N ASP A 82 29.63 -10.03 13.58
CA ASP A 82 29.23 -10.63 14.84
C ASP A 82 28.31 -11.82 14.58
N LYS A 83 28.62 -12.95 15.20
CA LYS A 83 27.84 -14.17 15.01
C LYS A 83 26.76 -14.34 16.07
N LYS A 84 26.96 -13.80 17.27
CA LYS A 84 26.00 -14.02 18.35
C LYS A 84 24.75 -13.17 18.15
N ARG A 85 24.93 -11.89 17.81
CA ARG A 85 23.78 -11.00 17.69
C ARG A 85 22.89 -11.40 16.52
N PHE A 86 23.49 -11.74 15.38
CA PHE A 86 22.71 -12.13 14.20
C PHE A 86 21.88 -13.38 14.47
N ARG A 87 22.55 -14.44 14.93
CA ARG A 87 21.82 -15.66 15.28
C ARG A 87 20.79 -15.38 16.37
N TYR A 88 21.12 -14.50 17.32
CA TYR A 88 20.18 -14.17 18.38
C TYR A 88 18.90 -13.59 17.81
N ILE A 89 19.01 -12.55 16.97
CA ILE A 89 17.81 -11.90 16.47
C ILE A 89 17.04 -12.81 15.52
N ILE A 90 17.75 -13.59 14.71
CA ILE A 90 17.05 -14.47 13.77
C ILE A 90 16.29 -15.55 14.53
N LEU A 91 16.95 -16.23 15.47
CA LEU A 91 16.28 -17.27 16.25
C LEU A 91 15.21 -16.68 17.15
N LYS A 92 15.36 -15.43 17.59
CA LYS A 92 14.33 -14.80 18.41
C LYS A 92 13.08 -14.53 17.60
N GLN A 93 13.24 -14.04 16.37
CA GLN A 93 12.08 -13.87 15.49
C GLN A 93 11.45 -15.23 15.17
N LYS A 94 12.27 -16.25 14.95
CA LYS A 94 11.75 -17.59 14.70
C LYS A 94 10.93 -18.09 15.89
N PHE A 95 11.44 -17.89 17.11
CA PHE A 95 10.73 -18.34 18.30
C PHE A 95 9.47 -17.53 18.53
N LEU A 96 9.49 -16.23 18.26
CA LEU A 96 8.30 -15.41 18.42
C LEU A 96 7.22 -15.84 17.43
N GLU A 97 7.60 -16.13 16.19
CA GLU A 97 6.61 -16.59 15.22
C GLU A 97 6.08 -17.98 15.55
N ALA A 98 6.94 -18.86 16.10
CA ALA A 98 6.47 -20.16 16.56
C ALA A 98 5.48 -20.02 17.70
N LEU A 99 5.77 -19.14 18.66
CA LEU A 99 4.83 -18.89 19.74
C LEU A 99 3.54 -18.26 19.22
N CYS A 100 3.62 -17.43 18.18
CA CYS A 100 2.42 -16.83 17.61
C CYS A 100 1.54 -17.88 16.94
N VAL A 101 2.13 -18.76 16.13
CA VAL A 101 1.34 -19.82 15.51
C VAL A 101 0.85 -20.81 16.56
N ASN A 102 1.53 -20.89 17.72
CA ASN A 102 1.01 -21.71 18.81
C ASN A 102 -0.19 -21.04 19.48
N ASN A 103 -0.17 -19.71 19.58
CA ASN A 103 -1.30 -19.00 20.17
C ASN A 103 -2.53 -19.00 19.27
N ALA A 104 -2.37 -19.36 18.00
CA ALA A 104 -3.49 -19.42 17.07
C ALA A 104 -4.20 -20.77 17.08
N GLN A 112 -9.65 -28.78 19.74
CA GLN A 112 -8.84 -29.92 19.33
C GLN A 112 -7.44 -29.84 19.92
N HIS A 113 -6.70 -30.95 19.84
CA HIS A 113 -5.34 -31.04 20.37
C HIS A 113 -4.45 -31.65 19.31
N LEU A 114 -3.90 -30.79 18.44
CA LEU A 114 -2.95 -31.18 17.40
C LEU A 114 -1.73 -30.27 17.46
N GLU A 115 -1.32 -29.90 18.67
CA GLU A 115 -0.35 -28.82 18.85
C GLU A 115 1.07 -29.39 18.95
N PHE A 116 1.67 -29.60 17.79
CA PHE A 116 3.12 -29.75 17.69
C PHE A 116 3.83 -28.41 17.61
N THR A 117 3.07 -27.33 17.46
CA THR A 117 3.67 -25.99 17.46
C THR A 117 4.31 -25.67 18.80
N GLN A 119 5.87 -27.90 20.73
CA GLN A 119 7.17 -28.57 20.67
C GLN A 119 8.13 -27.81 19.76
N GLU A 120 7.62 -27.28 18.65
CA GLU A 120 8.48 -26.50 17.75
C GLU A 120 8.96 -25.22 18.43
N ALA A 121 8.10 -24.57 19.21
CA ALA A 121 8.50 -23.37 19.93
C ALA A 121 9.52 -23.69 21.01
N VAL A 122 9.37 -24.85 21.67
CA VAL A 122 10.36 -25.27 22.65
C VAL A 122 11.70 -25.54 21.96
N GLN A 123 11.66 -26.13 20.77
CA GLN A 123 12.90 -26.30 19.99
C GLN A 123 13.55 -24.96 19.67
N CYS A 124 12.74 -23.99 19.24
CA CYS A 124 13.27 -22.66 18.95
C CYS A 124 13.87 -22.01 20.18
N LEU A 125 13.21 -22.16 21.34
CA LEU A 125 13.75 -21.61 22.58
C LEU A 125 15.04 -22.31 23.00
N HIS A 126 15.15 -23.61 22.70
CA HIS A 126 16.41 -24.31 22.95
C HIS A 126 17.51 -23.82 22.02
N ALA A 127 17.15 -23.44 20.78
CA ALA A 127 18.17 -23.05 19.80
C ALA A 127 18.87 -21.76 20.20
N LEU A 128 18.11 -20.77 20.69
CA LEU A 128 18.66 -19.46 21.01
C LEU A 128 19.14 -19.35 22.46
N GLU A 129 19.24 -20.47 23.18
CA GLU A 129 19.62 -20.42 24.58
C GLU A 129 21.04 -19.91 24.76
N GLU A 130 21.94 -20.27 23.83
CA GLU A 130 23.34 -19.89 23.91
C GLU A 130 23.63 -18.54 23.25
N TYR A 131 22.62 -17.84 22.74
CA TYR A 131 22.83 -16.57 22.06
C TYR A 131 22.18 -15.39 22.75
N CYS A 132 21.53 -15.59 23.89
CA CYS A 132 20.88 -14.49 24.59
C CYS A 132 21.94 -13.57 25.21
N PRO A 133 21.71 -12.25 25.24
CA PRO A 133 22.70 -11.36 25.83
C PRO A 133 22.77 -11.43 27.34
N SER A 134 21.75 -11.96 28.00
CA SER A 134 21.75 -12.06 29.46
C SER A 134 20.79 -13.17 29.87
N LYS A 135 21.03 -13.72 31.06
CA LYS A 135 20.15 -14.76 31.58
C LYS A 135 18.76 -14.23 31.86
N ASP A 136 18.66 -12.95 32.24
CA ASP A 136 17.34 -12.36 32.48
C ASP A 136 16.54 -12.26 31.18
N ASP A 137 17.23 -11.98 30.07
CA ASP A 137 16.54 -11.95 28.77
C ASP A 137 16.00 -13.32 28.39
N TYR A 138 16.79 -14.37 28.62
CA TYR A 138 16.32 -15.72 28.33
C TYR A 138 15.19 -16.13 29.28
N SER A 139 15.23 -15.65 30.53
CA SER A 139 14.12 -15.94 31.45
C SER A 139 12.85 -15.22 31.01
N LYS A 140 12.98 -13.99 30.51
CA LYS A 140 11.84 -13.30 29.94
C LYS A 140 11.28 -14.05 28.74
N LEU A 141 12.16 -14.54 27.87
CA LEU A 141 11.72 -15.31 26.71
C LEU A 141 11.04 -16.61 27.14
N CYS A 142 11.49 -17.20 28.24
CA CYS A 142 10.82 -18.40 28.76
C CYS A 142 9.49 -18.06 29.40
N LEU A 143 9.37 -16.87 30.00
CA LEU A 143 8.11 -16.46 30.60
C LEU A 143 7.01 -16.24 29.58
N LEU A 144 7.36 -16.16 28.30
CA LEU A 144 6.35 -16.00 27.24
C LEU A 144 5.66 -17.32 26.89
N LEU A 145 6.15 -18.45 27.41
CA LEU A 145 5.51 -19.73 27.15
C LEU A 145 4.25 -19.92 27.99
N THR A 146 4.22 -19.35 29.19
CA THR A 146 3.04 -19.47 30.04
C THR A 146 1.95 -18.47 29.69
N LEU A 147 2.22 -17.51 28.82
CA LEU A 147 1.21 -16.53 28.43
C LEU A 147 0.34 -17.10 27.33
N PRO A 148 -0.98 -16.98 27.43
CA PRO A 148 -1.86 -17.45 26.32
C PRO A 148 -1.75 -16.59 25.08
N ARG A 149 -1.07 -15.45 25.15
CA ARG A 149 -0.96 -14.55 24.00
C ARG A 149 0.35 -13.79 24.13
N LEU A 150 1.17 -13.88 23.08
CA LEU A 150 2.48 -13.22 23.11
C LEU A 150 2.36 -11.70 23.15
N THR A 151 1.31 -11.15 22.53
CA THR A 151 1.12 -9.71 22.50
C THR A 151 0.31 -9.19 23.68
N ASN A 152 -0.14 -10.08 24.58
CA ASN A 152 -0.77 -9.63 25.82
C ASN A 152 0.24 -9.24 26.89
N HIS A 153 1.53 -9.39 26.61
CA HIS A 153 2.56 -9.00 27.57
C HIS A 153 2.70 -7.49 27.61
N ALA A 154 3.23 -6.99 28.73
CA ALA A 154 3.38 -5.55 28.91
C ALA A 154 4.42 -4.98 27.96
N GLU A 155 5.51 -5.72 27.71
CA GLU A 155 6.57 -5.29 26.83
C GLU A 155 6.33 -5.68 25.37
N PHE A 156 5.16 -6.23 25.06
CA PHE A 156 4.79 -6.61 23.70
C PHE A 156 3.36 -6.17 23.40
N LYS A 157 3.01 -4.94 23.79
CA LYS A 157 1.62 -4.49 23.69
C LYS A 157 1.18 -4.38 22.24
N ASP A 158 1.97 -3.70 21.42
CA ASP A 158 1.63 -3.48 20.01
C ASP A 158 2.66 -4.15 19.10
N TRP A 159 3.07 -5.37 19.44
CA TRP A 159 4.02 -6.10 18.62
C TRP A 159 3.34 -6.59 17.35
N ASN A 160 4.06 -6.47 16.23
CA ASN A 160 3.52 -6.81 14.92
C ASN A 160 4.51 -7.69 14.18
N PRO A 161 4.09 -8.85 13.65
CA PRO A 161 5.04 -9.70 12.92
C PRO A 161 5.68 -9.02 11.72
N SER A 162 4.87 -8.39 10.86
CA SER A 162 5.43 -7.74 9.67
C SER A 162 6.37 -6.59 10.05
N THR A 163 5.98 -5.78 11.02
CA THR A 163 6.85 -4.71 11.48
C THR A 163 8.12 -5.27 12.11
N ALA A 164 7.98 -6.35 12.88
CA ALA A 164 9.15 -6.99 13.46
C ALA A 164 10.06 -7.57 12.38
N ARG A 165 9.46 -8.13 11.33
CA ARG A 165 10.27 -8.64 10.22
C ARG A 165 11.01 -7.50 9.52
N VAL A 166 10.36 -6.36 9.35
CA VAL A 166 11.03 -5.21 8.72
C VAL A 166 12.19 -4.73 9.58
N HIS A 167 11.97 -4.61 10.90
CA HIS A 167 13.04 -4.17 11.79
C HIS A 167 14.19 -5.17 11.82
N CYS A 168 13.86 -6.47 11.80
CA CYS A 168 14.90 -7.50 11.78
C CYS A 168 15.71 -7.43 10.48
N PHE A 169 15.03 -7.22 9.35
CA PHE A 169 15.74 -7.06 8.09
C PHE A 169 16.63 -5.83 8.11
N GLU A 170 16.15 -4.74 8.71
CA GLU A 170 16.98 -3.54 8.81
C GLU A 170 18.23 -3.80 9.64
N GLU A 171 18.08 -4.49 10.77
CA GLU A 171 19.23 -4.80 11.62
C GLU A 171 20.23 -5.70 10.88
N VAL A 172 19.73 -6.77 10.25
CA VAL A 172 20.61 -7.69 9.53
C VAL A 172 21.27 -7.00 8.36
N CYS A 173 20.57 -6.04 7.73
CA CYS A 173 21.16 -5.30 6.63
C CYS A 173 22.28 -4.38 7.11
N VAL A 174 22.06 -3.71 8.24
CA VAL A 174 23.13 -2.90 8.82
C VAL A 174 24.33 -3.78 9.16
N VAL A 176 25.27 -6.99 7.78
CA VAL A 176 25.93 -7.64 6.65
C VAL A 176 26.22 -6.63 5.54
N ALA A 177 26.02 -5.34 5.83
CA ALA A 177 26.29 -4.31 4.83
C ALA A 177 27.77 -4.27 4.45
N GLU A 178 28.66 -4.65 5.37
CA GLU A 178 30.09 -4.63 5.10
C GLU A 178 30.46 -5.58 3.98
N PHE A 179 29.70 -6.66 3.81
CA PHE A 179 29.99 -7.68 2.82
C PHE A 179 28.92 -7.69 1.73
N ILE A 180 29.31 -8.25 0.58
CA ILE A 180 28.56 -8.25 -0.68
C ILE A 180 27.70 -6.99 -0.81
N PRO A 181 28.33 -5.84 -1.09
CA PRO A 181 27.54 -4.62 -1.34
C PRO A 181 27.42 -4.33 -2.83
N ALA A 182 26.81 -3.19 -3.16
CA ALA A 182 26.66 -2.79 -4.56
C ALA A 182 27.48 -1.54 -4.86
N SER A 187 26.69 1.87 -8.75
CA SER A 187 25.41 2.58 -8.76
C SER A 187 25.25 3.41 -7.49
N GLU A 188 24.76 4.65 -7.65
CA GLU A 188 24.51 5.53 -6.52
C GLU A 188 23.14 5.23 -5.91
N ALA A 189 22.79 5.98 -4.87
CA ALA A 189 21.51 5.85 -4.19
C ALA A 189 20.36 6.53 -4.93
N GLY A 190 20.42 6.55 -6.27
CA GLY A 190 19.34 7.15 -7.04
C GLY A 190 18.28 6.13 -7.44
N PHE A 191 18.10 5.10 -6.61
CA PHE A 191 17.10 4.07 -6.84
C PHE A 191 16.04 4.02 -5.75
N LYS A 192 16.13 4.88 -4.74
CA LYS A 192 15.14 4.95 -3.69
C LYS A 192 14.75 6.41 -3.46
N ALA A 193 13.50 6.62 -3.07
CA ALA A 193 13.03 7.96 -2.79
C ALA A 193 13.60 8.47 -1.48
N SER A 194 13.63 9.80 -1.34
CA SER A 194 14.14 10.45 -0.14
C SER A 194 13.14 10.30 1.00
N ASN A 195 13.49 10.86 2.16
CA ASN A 195 12.62 10.78 3.34
C ASN A 195 11.36 11.60 3.12
N ASN A 196 10.21 10.92 3.16
CA ASN A 196 8.91 11.56 2.96
C ASN A 196 8.84 12.30 1.62
N ARG A 197 9.42 11.70 0.59
CA ARG A 197 9.45 12.34 -0.73
C ARG A 197 8.04 12.52 -1.29
N LEU A 198 7.17 11.52 -1.07
CA LEU A 198 5.80 11.64 -1.57
C LEU A 198 5.07 12.81 -0.92
N PHE A 199 5.22 12.97 0.40
CA PHE A 199 4.58 14.09 1.09
C PHE A 199 5.12 15.42 0.59
N GLN A 200 6.44 15.53 0.43
CA GLN A 200 7.04 16.76 -0.08
C GLN A 200 6.51 17.09 -1.46
N LEU A 201 6.42 16.09 -2.34
CA LEU A 201 5.96 16.34 -3.70
C LEU A 201 4.48 16.69 -3.74
N VAL A 202 3.67 16.09 -2.86
CA VAL A 202 2.25 16.45 -2.80
C VAL A 202 2.08 17.87 -2.31
N LYS A 204 4.28 20.28 -2.60
CA LYS A 204 4.75 21.15 -3.67
C LYS A 204 3.74 21.25 -4.80
N GLY A 205 3.02 20.16 -5.10
CA GLY A 205 1.96 20.23 -6.09
C GLY A 205 0.80 21.11 -5.63
N LEU A 206 0.48 21.05 -4.33
CA LEU A 206 -0.55 21.94 -3.80
C LEU A 206 -0.12 23.40 -3.89
N LEU A 207 1.15 23.69 -3.54
CA LEU A 207 1.64 25.05 -3.67
C LEU A 207 1.70 25.49 -5.14
N TYR A 208 1.98 24.56 -6.05
CA TYR A 208 1.94 24.88 -7.47
C TYR A 208 0.54 25.23 -7.92
N GLU A 209 -0.46 24.48 -7.44
CA GLU A 209 -1.85 24.84 -7.72
C GLU A 209 -2.18 26.22 -7.16
N CYS A 210 -1.67 26.53 -5.96
CA CYS A 210 -1.89 27.85 -5.38
C CYS A 210 -1.30 28.94 -6.26
N CYS A 211 -0.06 28.74 -6.72
CA CYS A 211 0.60 29.73 -7.58
C CYS A 211 -0.13 29.88 -8.90
N VAL A 212 -0.63 28.78 -9.46
CA VAL A 212 -1.36 28.86 -10.72
C VAL A 212 -2.67 29.62 -10.55
N GLU A 213 -3.40 29.34 -9.46
CA GLU A 213 -4.64 30.07 -9.21
C GLU A 213 -4.36 31.55 -8.91
N PHE A 214 -3.21 31.85 -8.33
CA PHE A 214 -2.84 33.24 -8.10
C PHE A 214 -2.56 33.96 -9.42
N CYS A 215 -1.75 33.33 -10.28
CA CYS A 215 -1.46 33.92 -11.59
C CYS A 215 -2.72 34.05 -12.44
N GLN A 216 -3.69 33.14 -12.25
CA GLN A 216 -4.95 33.24 -12.98
C GLN A 216 -5.89 34.26 -12.37
N SER A 217 -5.65 34.67 -11.11
CA SER A 217 -6.56 35.60 -10.45
C SER A 217 -6.22 37.05 -10.78
N LYS A 218 -4.97 37.44 -10.63
CA LYS A 218 -4.58 38.83 -10.88
C LYS A 218 -4.70 39.18 -12.36
N ALA A 219 -4.37 38.23 -13.24
CA ALA A 219 -4.45 38.46 -14.67
C ALA A 219 -5.89 38.44 -15.20
N THR A 220 -6.88 38.25 -14.34
CA THR A 220 -8.28 38.21 -14.75
C THR A 220 -9.15 39.02 -13.81
N GLY A 221 -9.47 38.44 -12.65
CA GLY A 221 -10.32 39.12 -11.68
C GLY A 221 -9.67 39.27 -10.32
N ILE A 224 -7.54 38.58 -4.76
CA ILE A 224 -6.99 37.42 -4.08
C ILE A 224 -5.95 37.87 -3.05
N THR A 225 -5.83 37.14 -1.95
CA THR A 225 -4.92 37.46 -0.87
C THR A 225 -3.91 36.32 -0.69
N GLU A 226 -2.99 36.51 0.26
CA GLU A 226 -2.02 35.47 0.56
C GLU A 226 -2.65 34.33 1.36
N SER A 227 -3.68 34.63 2.15
CA SER A 227 -4.34 33.61 2.96
C SER A 227 -5.51 32.94 2.23
N GLU A 228 -6.10 33.60 1.23
CA GLU A 228 -7.22 32.99 0.52
C GLU A 228 -6.76 31.82 -0.34
N VAL A 229 -5.56 31.91 -0.92
CA VAL A 229 -5.05 30.78 -1.69
C VAL A 229 -4.71 29.61 -0.78
N LEU A 230 -4.28 29.88 0.44
CA LEU A 230 -3.99 28.81 1.40
C LEU A 230 -5.25 28.19 1.96
N LEU A 231 -6.31 28.99 2.16
CA LEU A 231 -7.57 28.43 2.64
C LEU A 231 -8.34 27.72 1.54
N GLY A 232 -8.14 28.12 0.28
CA GLY A 232 -8.74 27.45 -0.85
C GLY A 232 -8.03 26.21 -1.33
N ILE A 233 -7.05 25.73 -0.56
CA ILE A 233 -6.33 24.53 -0.94
C ILE A 233 -7.23 23.32 -0.79
N ASP A 234 -6.97 22.29 -1.59
CA ASP A 234 -7.79 21.09 -1.60
C ASP A 234 -6.91 19.91 -2.00
N LEU A 235 -6.87 18.89 -1.16
CA LEU A 235 -6.00 17.74 -1.38
C LEU A 235 -6.68 16.67 -2.22
N LEU A 236 -7.90 16.26 -1.83
CA LEU A 236 -8.59 15.18 -2.55
C LEU A 236 -8.99 15.63 -3.95
N CYS A 237 -9.61 16.81 -4.07
CA CYS A 237 -9.95 17.39 -5.35
C CYS A 237 -9.02 18.56 -5.65
N GLY A 238 -8.94 18.92 -6.93
CA GLY A 238 -8.16 20.06 -7.32
C GLY A 238 -8.87 21.37 -7.01
N ASN A 239 -8.17 22.47 -7.29
CA ASN A 239 -8.80 23.79 -7.18
C ASN A 239 -10.04 23.86 -8.08
N GLY A 240 -9.89 23.46 -9.34
CA GLY A 240 -11.02 23.30 -10.24
C GLY A 240 -10.78 22.13 -11.17
N CYS A 241 -10.00 21.16 -10.68
CA CYS A 241 -9.55 20.03 -11.49
C CYS A 241 -8.84 20.51 -12.75
N ASP A 242 -8.05 21.57 -12.61
CA ASP A 242 -7.33 22.16 -13.73
C ASP A 242 -6.14 21.28 -14.07
N ASP A 243 -6.21 20.57 -15.19
CA ASP A 243 -5.10 19.76 -15.68
C ASP A 243 -4.01 20.71 -16.19
N LEU A 244 -2.98 20.90 -15.38
CA LEU A 244 -1.98 21.93 -15.64
C LEU A 244 -0.81 21.40 -16.46
N ASP A 245 -0.13 22.31 -17.14
CA ASP A 245 1.06 21.98 -17.90
C ASP A 245 2.19 22.94 -17.54
N LEU A 246 3.06 23.24 -18.51
CA LEU A 246 4.18 24.15 -18.23
C LEU A 246 3.80 25.59 -18.49
N SER A 247 2.54 25.93 -18.21
CA SER A 247 2.07 27.30 -18.42
C SER A 247 2.80 28.26 -17.48
N LEU A 248 2.89 27.91 -16.20
CA LEU A 248 3.62 28.76 -15.26
C LEU A 248 5.12 28.78 -15.58
N LEU A 249 5.66 27.64 -16.03
CA LEU A 249 7.07 27.60 -16.38
C LEU A 249 7.36 28.45 -17.61
N SER A 250 6.51 28.35 -18.65
CA SER A 250 6.69 29.17 -19.83
C SER A 250 6.48 30.65 -19.51
N TRP A 251 5.61 30.96 -18.55
CA TRP A 251 5.41 32.35 -18.14
C TRP A 251 6.65 32.89 -17.44
N LEU A 252 7.19 32.12 -16.49
CA LEU A 252 8.42 32.52 -15.81
C LEU A 252 9.63 32.52 -16.74
N GLN A 253 9.54 31.81 -17.87
CA GLN A 253 10.70 31.67 -18.75
C GLN A 253 10.91 32.89 -19.63
N ASN A 254 9.82 33.53 -20.08
CA ASN A 254 9.91 34.72 -20.92
C ASN A 254 9.72 36.01 -20.13
N LEU A 255 9.95 35.98 -18.82
CA LEU A 255 9.88 37.19 -18.02
C LEU A 255 11.12 38.05 -18.24
N PRO A 256 11.02 39.36 -18.02
CA PRO A 256 12.21 40.21 -18.09
C PRO A 256 13.17 39.89 -16.95
N SER A 257 14.45 40.15 -17.21
CA SER A 257 15.50 39.86 -16.22
C SER A 257 15.41 40.76 -14.99
N SER A 258 14.63 41.83 -15.04
CA SER A 258 14.51 42.77 -13.92
C SER A 258 13.61 42.27 -12.80
N VAL A 259 13.00 41.09 -12.95
CA VAL A 259 12.10 40.56 -11.94
C VAL A 259 12.91 39.69 -10.96
N PHE A 260 14.22 39.80 -11.02
CA PHE A 260 15.09 38.98 -10.19
C PHE A 260 16.16 39.83 -9.51
N LEU A 269 6.89 28.78 6.13
CA LEU A 269 5.56 28.20 6.23
C LEU A 269 5.58 27.07 7.25
N ASN A 270 4.67 27.14 8.22
CA ASN A 270 4.46 26.07 9.18
C ASN A 270 3.21 25.28 8.77
N ILE A 271 3.32 23.96 8.77
CA ILE A 271 2.24 23.08 8.33
C ILE A 271 1.95 22.07 9.42
N HIS A 272 0.67 21.83 9.67
CA HIS A 272 0.21 20.91 10.71
C HIS A 272 -0.39 19.68 10.05
N VAL A 273 0.19 18.51 10.32
CA VAL A 273 -0.26 17.25 9.74
C VAL A 273 -1.01 16.46 10.80
N ASP A 274 -2.21 16.01 10.47
CA ASP A 274 -3.04 15.21 11.37
C ASP A 274 -2.63 13.74 11.21
N LYS A 275 -2.00 13.19 12.24
CA LYS A 275 -1.51 11.82 12.17
C LYS A 275 -2.66 10.82 12.15
N LEU A 276 -2.36 9.63 11.67
CA LEU A 276 -3.37 8.60 11.46
C LEU A 276 -3.68 7.87 12.76
N LEU A 277 -4.94 7.45 12.90
CA LEU A 277 -5.41 6.62 14.00
C LEU A 277 -5.88 5.30 13.41
N LYS A 278 -4.92 4.44 13.08
CA LYS A 278 -5.25 3.16 12.46
C LYS A 278 -5.95 2.24 13.46
N PRO A 279 -6.89 1.43 12.99
CA PRO A 279 -7.72 0.63 13.91
C PRO A 279 -6.91 -0.47 14.57
N THR A 280 -7.52 -1.04 15.63
CA THR A 280 -6.89 -2.12 16.37
C THR A 280 -6.97 -3.46 15.65
N LYS A 281 -7.88 -3.60 14.69
CA LYS A 281 -8.06 -4.83 13.94
C LYS A 281 -6.90 -5.15 12.99
N ALA A 282 -5.81 -4.39 13.01
CA ALA A 282 -4.65 -4.67 12.18
C ALA A 282 -3.69 -5.65 12.83
N ALA A 283 -3.44 -5.51 14.13
CA ALA A 283 -2.56 -6.44 14.83
C ALA A 283 -3.22 -7.81 14.94
N TYR A 284 -4.50 -7.86 15.29
CA TYR A 284 -5.22 -9.12 15.35
CA TYR A 284 -5.22 -9.12 15.34
C TYR A 284 -5.18 -9.83 14.00
N ALA A 285 -5.22 -9.08 12.90
CA ALA A 285 -5.17 -9.67 11.58
C ALA A 285 -3.77 -10.17 11.25
N ASP A 286 -2.75 -9.35 11.51
CA ASP A 286 -1.38 -9.71 11.17
C ASP A 286 -0.81 -10.80 12.07
N LEU A 287 -1.46 -11.11 13.19
CA LEU A 287 -0.98 -12.19 14.05
C LEU A 287 -1.11 -13.57 13.39
N LEU A 288 -1.61 -13.64 12.16
CA LEU A 288 -1.72 -14.90 11.42
C LEU A 288 -0.73 -15.00 10.27
N THR A 289 0.14 -14.00 10.08
CA THR A 289 1.14 -14.03 9.02
C THR A 289 2.23 -15.06 9.27
N PRO A 290 2.66 -15.30 10.52
CA PRO A 290 3.56 -16.45 10.73
C PRO A 290 2.96 -17.77 10.31
N LEU A 291 1.65 -17.95 10.48
CA LEU A 291 0.99 -19.16 10.00
C LEU A 291 1.03 -19.23 8.47
N ILE A 292 0.89 -18.09 7.80
CA ILE A 292 1.01 -18.06 6.34
C ILE A 292 2.41 -18.45 5.91
N SER A 293 3.43 -17.92 6.61
CA SER A 293 4.81 -18.27 6.28
C SER A 293 5.10 -19.74 6.56
N LYS A 294 4.46 -20.32 7.57
CA LYS A 294 4.65 -21.73 7.86
C LYS A 294 3.94 -22.63 6.84
N LEU A 295 2.91 -22.11 6.17
CA LEU A 295 2.22 -22.85 5.12
C LEU A 295 2.73 -22.52 3.73
N SER A 296 3.89 -21.87 3.63
CA SER A 296 4.46 -21.52 2.33
C SER A 296 5.92 -21.95 2.22
N GLU B 9 -0.10 32.12 7.66
CA GLU B 9 -1.16 31.14 7.84
C GLU B 9 -0.60 29.73 7.90
N THR B 10 -1.37 28.82 8.50
CA THR B 10 -0.96 27.43 8.68
C THR B 10 -1.86 26.53 7.85
N VAL B 11 -1.25 25.75 6.97
CA VAL B 11 -1.97 24.76 6.17
C VAL B 11 -2.07 23.47 6.95
N ASN B 12 -3.26 22.85 6.92
CA ASN B 12 -3.51 21.60 7.62
C ASN B 12 -3.79 20.50 6.62
N VAL B 13 -3.06 19.39 6.74
CA VAL B 13 -3.21 18.23 5.87
C VAL B 13 -3.49 17.01 6.72
N LYS B 14 -4.34 16.12 6.20
CA LYS B 14 -4.72 14.90 6.89
C LYS B 14 -4.17 13.70 6.12
N GLU B 15 -3.48 12.80 6.83
CA GLU B 15 -2.85 11.65 6.20
C GLU B 15 -3.87 10.67 5.63
N VAL B 16 -5.10 10.67 6.15
CA VAL B 16 -6.12 9.78 5.60
C VAL B 16 -6.41 10.13 4.15
N GLU B 17 -6.31 11.42 3.79
CA GLU B 17 -6.54 11.80 2.40
C GLU B 17 -5.36 11.46 1.50
N ILE B 18 -4.13 11.50 2.03
CA ILE B 18 -2.99 10.97 1.27
C ILE B 18 -3.16 9.47 1.04
N ILE B 19 -3.66 8.77 2.05
CA ILE B 19 -3.95 7.34 1.88
C ILE B 19 -5.04 7.12 0.84
N LYS B 20 -6.03 8.02 0.81
CA LYS B 20 -7.05 7.95 -0.24
C LYS B 20 -6.45 8.17 -1.62
N LEU B 21 -5.49 9.10 -1.73
CA LEU B 21 -4.81 9.31 -3.00
C LEU B 21 -4.09 8.06 -3.46
N ILE B 22 -3.29 7.45 -2.57
CA ILE B 22 -2.54 6.27 -2.98
C ILE B 22 -3.46 5.08 -3.20
N LEU B 23 -4.60 5.03 -2.50
CA LEU B 23 -5.59 3.98 -2.76
C LEU B 23 -6.21 4.13 -4.14
N ASP B 24 -6.53 5.37 -4.53
CA ASP B 24 -7.02 5.61 -5.88
C ASP B 24 -5.97 5.22 -6.91
N PHE B 25 -4.70 5.51 -6.64
CA PHE B 25 -3.64 5.12 -7.56
C PHE B 25 -3.57 3.60 -7.70
N LEU B 26 -3.60 2.89 -6.56
CA LEU B 26 -3.57 1.43 -6.59
C LEU B 26 -4.76 0.87 -7.36
N ASN B 27 -5.94 1.45 -7.18
CA ASN B 27 -7.11 1.00 -7.92
C ASN B 27 -6.94 1.28 -9.42
N SER B 28 -6.34 2.41 -9.76
CA SER B 28 -6.10 2.73 -11.17
C SER B 28 -5.14 1.73 -11.81
N LYS B 29 -4.11 1.32 -11.08
CA LYS B 29 -3.16 0.34 -11.59
C LYS B 29 -3.61 -1.09 -11.36
N LYS B 30 -4.84 -1.29 -10.88
CA LYS B 30 -5.40 -2.62 -10.62
C LYS B 30 -4.58 -3.40 -9.60
N LEU B 31 -3.90 -2.69 -8.70
CA LEU B 31 -3.16 -3.32 -7.61
C LEU B 31 -4.12 -3.54 -6.44
N HIS B 32 -5.02 -4.51 -6.62
CA HIS B 32 -6.13 -4.71 -5.70
C HIS B 32 -5.71 -5.38 -4.40
N ILE B 33 -4.69 -6.23 -4.44
CA ILE B 33 -4.19 -6.85 -3.20
C ILE B 33 -3.61 -5.78 -2.29
N SER B 34 -2.75 -4.92 -2.83
CA SER B 34 -2.18 -3.83 -2.05
C SER B 34 -3.27 -2.87 -1.58
N LEU B 36 -6.52 -3.56 -0.95
CA LEU B 36 -7.25 -4.18 0.15
C LEU B 36 -6.41 -4.19 1.42
N ALA B 37 -5.11 -4.50 1.31
CA ALA B 37 -4.25 -4.48 2.49
C ALA B 37 -4.18 -3.09 3.10
N LEU B 38 -4.08 -2.06 2.26
CA LEU B 38 -4.03 -0.69 2.76
C LEU B 38 -5.34 -0.28 3.43
N GLU B 39 -6.48 -0.68 2.84
CA GLU B 39 -7.76 -0.40 3.47
C GLU B 39 -7.87 -1.09 4.82
N LYS B 40 -7.44 -2.35 4.91
CA LYS B 40 -7.54 -3.07 6.17
C LYS B 40 -6.62 -2.48 7.23
N GLU B 41 -5.41 -2.06 6.82
CA GLU B 41 -4.42 -1.62 7.80
C GLU B 41 -4.67 -0.19 8.27
N SER B 42 -5.03 0.70 7.35
CA SER B 42 -5.26 2.10 7.70
C SER B 42 -6.70 2.40 8.07
N GLY B 43 -7.64 1.49 7.78
CA GLY B 43 -9.03 1.75 8.04
C GLY B 43 -9.65 2.85 7.19
N VAL B 44 -8.98 3.24 6.11
CA VAL B 44 -9.43 4.33 5.25
C VAL B 44 -10.03 3.74 3.98
N ILE B 45 -11.16 4.30 3.55
CA ILE B 45 -11.84 3.89 2.33
C ILE B 45 -11.94 5.10 1.42
N ASN B 46 -11.37 4.99 0.22
CA ASN B 46 -11.46 6.06 -0.78
C ASN B 46 -12.82 5.93 -1.47
N GLY B 47 -13.84 6.40 -0.77
CA GLY B 47 -15.19 6.32 -1.27
C GLY B 47 -16.18 6.68 -0.19
N LEU B 48 -17.42 6.91 -0.62
CA LEU B 48 -18.52 7.20 0.28
C LEU B 48 -19.68 6.29 -0.08
N PHE B 49 -20.01 5.36 0.81
CA PHE B 49 -21.08 4.40 0.58
C PHE B 49 -22.16 4.57 1.63
N SER B 50 -23.40 4.29 1.24
CA SER B 50 -24.49 4.24 2.21
C SER B 50 -24.25 3.11 3.20
N ASP B 51 -24.94 3.19 4.33
CA ASP B 51 -24.67 2.28 5.45
C ASP B 51 -24.86 0.82 5.02
N ASP B 52 -25.96 0.52 4.32
CA ASP B 52 -26.18 -0.85 3.86
C ASP B 52 -25.18 -1.24 2.77
N LEU B 54 -22.19 0.04 2.40
CA LEU B 54 -20.91 -0.09 3.07
C LEU B 54 -20.82 -1.41 3.84
N PHE B 55 -21.93 -1.83 4.45
CA PHE B 55 -21.93 -3.11 5.17
C PHE B 55 -21.77 -4.28 4.20
N LEU B 56 -22.43 -4.21 3.04
CA LEU B 56 -22.24 -5.26 2.04
C LEU B 56 -20.81 -5.27 1.51
N ARG B 57 -20.22 -4.08 1.33
CA ARG B 57 -18.83 -4.01 0.91
C ARG B 57 -17.90 -4.65 1.93
N GLN B 58 -18.12 -4.34 3.21
CA GLN B 58 -17.29 -4.92 4.26
C GLN B 58 -17.47 -6.43 4.34
N LEU B 59 -18.70 -6.91 4.09
CA LEU B 59 -18.93 -8.35 4.13
C LEU B 59 -18.26 -9.06 2.96
N ILE B 60 -18.36 -8.48 1.76
CA ILE B 60 -17.80 -9.14 0.58
C ILE B 60 -16.27 -9.10 0.62
N LEU B 61 -15.69 -7.96 1.01
CA LEU B 61 -14.24 -7.84 1.06
C LEU B 61 -13.62 -8.59 2.24
N ASP B 62 -14.44 -9.18 3.12
CA ASP B 62 -13.93 -9.98 4.24
C ASP B 62 -14.28 -11.46 4.10
N GLY B 63 -14.83 -11.87 2.95
CA GLY B 63 -15.09 -13.27 2.71
C GLY B 63 -16.19 -13.88 3.53
N GLN B 64 -17.04 -13.06 4.16
CA GLN B 64 -18.16 -13.54 4.95
C GLN B 64 -19.35 -13.78 4.01
N TRP B 65 -19.26 -14.87 3.25
CA TRP B 65 -20.20 -15.08 2.15
C TRP B 65 -21.58 -15.49 2.66
N ASP B 66 -21.66 -16.24 3.75
CA ASP B 66 -22.97 -16.61 4.29
C ASP B 66 -23.69 -15.37 4.84
N GLU B 67 -22.96 -14.47 5.49
CA GLU B 67 -23.56 -13.21 5.92
C GLU B 67 -23.99 -12.36 4.74
N VAL B 68 -23.27 -12.44 3.62
CA VAL B 68 -23.70 -11.76 2.40
C VAL B 68 -25.02 -12.34 1.91
N LEU B 69 -25.11 -13.67 1.87
CA LEU B 69 -26.34 -14.32 1.40
C LEU B 69 -27.52 -13.98 2.30
N GLN B 70 -27.28 -13.90 3.62
CA GLN B 70 -28.38 -13.58 4.53
C GLN B 70 -28.76 -12.11 4.45
N PHE B 71 -27.78 -11.22 4.25
CA PHE B 71 -28.07 -9.79 4.22
C PHE B 71 -28.83 -9.40 2.96
N ILE B 72 -28.57 -10.07 1.83
CA ILE B 72 -29.29 -9.81 0.59
C ILE B 72 -30.46 -10.76 0.38
N GLN B 73 -30.71 -11.65 1.34
CA GLN B 73 -31.85 -12.56 1.22
C GLN B 73 -33.19 -11.84 1.04
N PRO B 74 -33.51 -10.76 1.76
CA PRO B 74 -34.80 -10.08 1.53
C PRO B 74 -34.99 -9.59 0.10
N LEU B 75 -33.93 -9.39 -0.66
CA LEU B 75 -34.05 -8.91 -2.03
C LEU B 75 -34.36 -10.03 -3.01
N GLU B 76 -34.37 -11.29 -2.57
CA GLU B 76 -34.57 -12.42 -3.49
C GLU B 76 -36.04 -12.70 -3.74
N CYS B 77 -36.95 -12.18 -2.92
CA CYS B 77 -38.37 -12.46 -3.10
C CYS B 77 -38.96 -11.75 -4.31
N GLU B 79 -39.49 -10.23 -8.20
CA GLU B 79 -39.55 -10.93 -9.49
C GLU B 79 -38.24 -10.77 -10.27
N LYS B 80 -38.02 -9.58 -10.83
CA LYS B 80 -36.92 -9.36 -11.76
C LYS B 80 -35.64 -8.97 -11.01
N PHE B 81 -35.25 -9.85 -10.08
CA PHE B 81 -34.00 -9.68 -9.34
C PHE B 81 -32.91 -10.62 -9.80
N ASP B 82 -33.27 -11.79 -10.35
CA ASP B 82 -32.32 -12.81 -10.78
C ASP B 82 -31.43 -13.24 -9.61
N LYS B 83 -32.08 -13.85 -8.62
CA LYS B 83 -31.35 -14.35 -7.46
C LYS B 83 -30.40 -15.49 -7.81
N LYS B 84 -30.65 -16.17 -8.93
CA LYS B 84 -29.76 -17.24 -9.35
C LYS B 84 -28.37 -16.72 -9.64
N ARG B 85 -28.27 -15.58 -10.33
CA ARG B 85 -26.96 -15.01 -10.65
C ARG B 85 -26.22 -14.54 -9.39
N PHE B 86 -26.95 -13.91 -8.45
CA PHE B 86 -26.33 -13.46 -7.22
C PHE B 86 -25.81 -14.64 -6.39
N ARG B 87 -26.65 -15.66 -6.21
CA ARG B 87 -26.22 -16.83 -5.47
C ARG B 87 -25.08 -17.54 -6.17
N TYR B 88 -25.10 -17.57 -7.50
CA TYR B 88 -24.01 -18.17 -8.25
C TYR B 88 -22.70 -17.43 -8.00
N ILE B 89 -22.73 -16.10 -8.10
CA ILE B 89 -21.52 -15.31 -7.85
C ILE B 89 -20.98 -15.58 -6.45
N ILE B 90 -21.85 -15.48 -5.45
CA ILE B 90 -21.39 -15.60 -4.06
C ILE B 90 -20.85 -16.99 -3.79
N LEU B 91 -21.63 -18.03 -4.17
CA LEU B 91 -21.20 -19.40 -3.89
C LEU B 91 -19.99 -19.80 -4.72
N LYS B 92 -19.84 -19.27 -5.94
CA LYS B 92 -18.66 -19.58 -6.73
C LYS B 92 -17.42 -18.94 -6.14
N GLN B 93 -17.52 -17.70 -5.65
CA GLN B 93 -16.38 -17.10 -4.97
C GLN B 93 -16.03 -17.86 -3.69
N LYS B 94 -17.06 -18.29 -2.94
CA LYS B 94 -16.82 -19.07 -1.73
C LYS B 94 -16.14 -20.40 -2.04
N PHE B 95 -16.59 -21.08 -3.10
CA PHE B 95 -16.00 -22.35 -3.49
C PHE B 95 -14.57 -22.18 -3.98
N LEU B 96 -14.30 -21.12 -4.75
CA LEU B 96 -12.95 -20.88 -5.21
C LEU B 96 -12.02 -20.56 -4.04
N GLU B 97 -12.51 -19.82 -3.04
CA GLU B 97 -11.68 -19.54 -1.88
C GLU B 97 -11.45 -20.80 -1.04
N ALA B 98 -12.46 -21.66 -0.91
CA ALA B 98 -12.28 -22.91 -0.20
C ALA B 98 -11.27 -23.80 -0.91
N LEU B 99 -11.35 -23.87 -2.25
CA LEU B 99 -10.40 -24.66 -3.01
C LEU B 99 -8.99 -24.08 -2.91
N CYS B 100 -8.88 -22.74 -2.86
CA CYS B 100 -7.58 -22.11 -2.71
C CYS B 100 -6.97 -22.41 -1.35
N VAL B 101 -7.79 -22.40 -0.30
CA VAL B 101 -7.29 -22.78 1.03
C VAL B 101 -6.89 -24.25 1.04
N ASN B 102 -7.65 -25.10 0.34
CA ASN B 102 -7.35 -26.52 0.32
C ASN B 102 -6.06 -26.82 -0.46
N ASN B 103 -5.77 -26.04 -1.50
CA ASN B 103 -4.55 -26.26 -2.27
C ASN B 103 -3.30 -25.95 -1.47
N ALA B 104 -3.41 -25.17 -0.39
CA ALA B 104 -2.29 -24.84 0.47
C ALA B 104 -2.09 -25.88 1.58
N GLU B 115 -8.35 -32.39 5.44
CA GLU B 115 -9.60 -33.13 5.33
C GLU B 115 -10.79 -32.21 5.57
N PHE B 116 -10.53 -31.08 6.21
CA PHE B 116 -11.59 -30.12 6.53
C PHE B 116 -11.82 -29.12 5.39
N THR B 117 -10.75 -28.67 4.74
CA THR B 117 -10.91 -27.73 3.64
C THR B 117 -11.51 -28.41 2.41
N GLN B 119 -13.62 -30.89 2.46
CA GLN B 119 -15.04 -31.02 2.76
C GLN B 119 -15.79 -29.72 2.51
N GLU B 120 -15.19 -28.60 2.91
CA GLU B 120 -15.83 -27.30 2.69
C GLU B 120 -15.93 -26.98 1.21
N ALA B 121 -14.88 -27.28 0.44
CA ALA B 121 -14.94 -27.06 -1.00
C ALA B 121 -16.01 -27.92 -1.66
N VAL B 122 -16.10 -29.19 -1.25
CA VAL B 122 -17.12 -30.08 -1.80
C VAL B 122 -18.51 -29.57 -1.46
N GLN B 123 -18.71 -29.09 -0.23
CA GLN B 123 -20.02 -28.57 0.16
C GLN B 123 -20.37 -27.31 -0.61
N CYS B 124 -19.39 -26.43 -0.85
CA CYS B 124 -19.67 -25.22 -1.62
C CYS B 124 -20.00 -25.57 -3.07
N LEU B 125 -19.31 -26.54 -3.65
CA LEU B 125 -19.62 -26.99 -5.00
C LEU B 125 -21.02 -27.58 -5.08
N HIS B 126 -21.38 -28.41 -4.09
CA HIS B 126 -22.72 -28.98 -4.06
C HIS B 126 -23.78 -27.90 -3.88
N ALA B 127 -23.46 -26.84 -3.13
CA ALA B 127 -24.41 -25.75 -2.94
C ALA B 127 -24.63 -24.96 -4.23
N LEU B 128 -23.54 -24.66 -4.94
CA LEU B 128 -23.67 -23.91 -6.19
C LEU B 128 -24.06 -24.78 -7.38
N GLU B 129 -24.18 -26.09 -7.19
CA GLU B 129 -24.60 -26.99 -8.26
C GLU B 129 -25.82 -26.48 -9.01
N GLU B 130 -26.82 -25.97 -8.29
CA GLU B 130 -28.10 -25.64 -8.90
C GLU B 130 -28.17 -24.21 -9.43
N TYR B 131 -27.11 -23.40 -9.25
CA TYR B 131 -27.13 -22.01 -9.68
C TYR B 131 -26.19 -21.74 -10.84
N CYS B 132 -25.65 -22.78 -11.47
CA CYS B 132 -24.74 -22.58 -12.58
C CYS B 132 -25.51 -22.20 -13.84
N PRO B 133 -24.94 -21.32 -14.67
CA PRO B 133 -25.63 -20.96 -15.92
C PRO B 133 -25.78 -22.13 -16.88
N SER B 134 -24.72 -22.93 -17.06
CA SER B 134 -24.74 -24.08 -17.94
C SER B 134 -24.25 -25.30 -17.19
N LYS B 135 -24.33 -26.45 -17.86
CA LYS B 135 -23.84 -27.69 -17.27
C LYS B 135 -22.34 -27.86 -17.47
N ASP B 136 -21.76 -27.18 -18.47
CA ASP B 136 -20.32 -27.23 -18.67
C ASP B 136 -19.57 -26.38 -17.64
N ASP B 137 -20.20 -25.31 -17.14
CA ASP B 137 -19.56 -24.49 -16.11
C ASP B 137 -19.41 -25.28 -14.81
N TYR B 138 -20.45 -26.03 -14.43
CA TYR B 138 -20.34 -26.90 -13.26
C TYR B 138 -19.28 -27.98 -13.48
N SER B 139 -19.16 -28.49 -14.70
CA SER B 139 -18.12 -29.48 -14.97
C SER B 139 -16.73 -28.86 -14.84
N LYS B 140 -16.57 -27.60 -15.27
CA LYS B 140 -15.30 -26.91 -15.07
C LYS B 140 -14.99 -26.73 -13.58
N LEU B 141 -16.00 -26.32 -12.81
CA LEU B 141 -15.80 -26.14 -11.38
C LEU B 141 -15.51 -27.47 -10.67
N CYS B 142 -16.02 -28.58 -11.21
CA CYS B 142 -15.70 -29.89 -10.66
C CYS B 142 -14.28 -30.31 -11.02
N LEU B 143 -13.89 -30.10 -12.29
CA LEU B 143 -12.53 -30.42 -12.71
C LEU B 143 -11.50 -29.59 -11.96
N LEU B 144 -11.90 -28.41 -11.49
CA LEU B 144 -11.00 -27.60 -10.66
C LEU B 144 -10.60 -28.33 -9.39
N LEU B 145 -11.44 -29.26 -8.92
CA LEU B 145 -11.08 -30.03 -7.72
C LEU B 145 -9.96 -31.01 -8.00
N THR B 146 -9.87 -31.55 -9.22
CA THR B 146 -8.83 -32.52 -9.54
C THR B 146 -7.46 -31.86 -9.60
N LEU B 147 -7.40 -30.59 -10.02
CA LEU B 147 -6.12 -29.91 -10.16
C LEU B 147 -5.45 -29.72 -8.80
N PRO B 148 -4.12 -29.80 -8.74
CA PRO B 148 -3.44 -29.55 -7.46
C PRO B 148 -3.52 -28.11 -7.00
N ARG B 149 -3.72 -27.17 -7.92
CA ARG B 149 -3.96 -25.78 -7.57
C ARG B 149 -4.91 -25.19 -8.61
N LEU B 150 -5.89 -24.40 -8.14
CA LEU B 150 -6.94 -23.89 -9.02
C LEU B 150 -6.41 -22.95 -10.09
N THR B 151 -5.19 -22.42 -9.92
CA THR B 151 -4.61 -21.52 -10.91
C THR B 151 -4.08 -22.27 -12.13
N ASN B 152 -4.15 -23.60 -12.16
CA ASN B 152 -3.69 -24.34 -13.31
C ASN B 152 -4.61 -24.17 -14.51
N HIS B 153 -5.88 -23.86 -14.27
CA HIS B 153 -6.82 -23.69 -15.37
C HIS B 153 -6.54 -22.40 -16.11
N ALA B 154 -6.75 -22.41 -17.43
CA ALA B 154 -6.45 -21.24 -18.24
C ALA B 154 -7.36 -20.08 -17.88
N GLU B 155 -8.61 -20.36 -17.55
CA GLU B 155 -9.57 -19.32 -17.18
C GLU B 155 -9.41 -18.85 -15.74
N PHE B 156 -8.44 -19.40 -15.00
CA PHE B 156 -8.19 -19.00 -13.62
C PHE B 156 -6.71 -18.77 -13.35
N LYS B 157 -5.93 -18.45 -14.39
CA LYS B 157 -4.48 -18.30 -14.22
C LYS B 157 -4.14 -17.11 -13.34
N ASP B 158 -4.93 -16.04 -13.41
CA ASP B 158 -4.68 -14.82 -12.65
C ASP B 158 -5.73 -14.58 -11.57
N TRP B 159 -6.34 -15.66 -11.06
CA TRP B 159 -7.32 -15.54 -9.99
C TRP B 159 -6.60 -15.43 -8.65
N ASN B 160 -6.96 -14.41 -7.88
CA ASN B 160 -6.50 -14.24 -6.52
C ASN B 160 -7.65 -13.67 -5.69
N PRO B 161 -7.70 -14.00 -4.40
CA PRO B 161 -8.89 -13.64 -3.60
C PRO B 161 -9.19 -12.15 -3.55
N SER B 162 -8.18 -11.28 -3.56
CA SER B 162 -8.42 -9.85 -3.39
C SER B 162 -9.14 -9.25 -4.59
N THR B 163 -8.56 -9.39 -5.79
CA THR B 163 -9.21 -8.85 -6.98
C THR B 163 -10.51 -9.56 -7.28
N ALA B 164 -10.62 -10.84 -6.91
CA ALA B 164 -11.88 -11.55 -7.09
C ALA B 164 -12.96 -10.97 -6.18
N ARG B 165 -12.61 -10.66 -4.92
CA ARG B 165 -13.57 -10.02 -4.03
C ARG B 165 -13.95 -8.64 -4.53
N VAL B 166 -13.00 -7.90 -5.09
CA VAL B 166 -13.30 -6.58 -5.62
C VAL B 166 -14.29 -6.68 -6.77
N HIS B 167 -14.01 -7.56 -7.74
CA HIS B 167 -14.90 -7.71 -8.88
C HIS B 167 -16.26 -8.24 -8.46
N CYS B 168 -16.29 -9.16 -7.48
CA CYS B 168 -17.55 -9.68 -6.99
C CYS B 168 -18.38 -8.60 -6.31
N PHE B 169 -17.74 -7.75 -5.50
CA PHE B 169 -18.45 -6.65 -4.87
C PHE B 169 -19.00 -5.69 -5.92
N GLU B 170 -18.21 -5.39 -6.95
CA GLU B 170 -18.68 -4.50 -8.00
C GLU B 170 -19.89 -5.09 -8.73
N GLU B 171 -19.83 -6.39 -9.03
CA GLU B 171 -20.94 -7.04 -9.72
C GLU B 171 -22.20 -7.08 -8.87
N VAL B 172 -22.06 -7.43 -7.59
CA VAL B 172 -23.21 -7.46 -6.69
C VAL B 172 -23.77 -6.04 -6.49
N CYS B 173 -22.92 -5.03 -6.47
CA CYS B 173 -23.39 -3.66 -6.36
C CYS B 173 -24.19 -3.25 -7.58
N VAL B 174 -23.69 -3.59 -8.78
CA VAL B 174 -24.44 -3.30 -10.00
C VAL B 174 -25.78 -4.03 -9.98
N VAL B 176 -27.68 -5.18 -7.25
CA VAL B 176 -28.62 -4.74 -6.23
C VAL B 176 -28.83 -3.23 -6.21
N ALA B 177 -28.11 -2.49 -7.06
CA ALA B 177 -28.25 -1.03 -7.05
C ALA B 177 -29.64 -0.60 -7.49
N GLU B 178 -30.26 -1.33 -8.41
CA GLU B 178 -31.60 -1.01 -8.90
C GLU B 178 -32.71 -1.50 -7.97
N PHE B 179 -32.40 -1.77 -6.71
CA PHE B 179 -33.40 -2.20 -5.74
C PHE B 179 -33.29 -1.42 -4.44
N ILE B 180 -32.09 -1.30 -3.91
CA ILE B 180 -31.83 -0.55 -2.69
C ILE B 180 -31.18 0.77 -3.06
N PRO B 181 -31.67 1.91 -2.58
CA PRO B 181 -31.09 3.20 -2.96
C PRO B 181 -29.69 3.37 -2.37
N ALA B 182 -28.74 3.77 -3.22
CA ALA B 182 -27.39 4.06 -2.80
C ALA B 182 -26.92 5.46 -3.17
N ASP B 183 -27.70 6.20 -3.96
CA ASP B 183 -27.32 7.55 -4.34
C ASP B 183 -27.70 8.58 -3.29
N ARG B 184 -28.60 8.26 -2.38
CA ARG B 184 -28.99 9.17 -1.31
C ARG B 184 -27.87 9.32 -0.29
N LYS B 185 -26.78 9.96 -0.69
CA LYS B 185 -25.60 10.10 0.15
C LYS B 185 -25.00 11.48 -0.06
N LEU B 186 -24.01 11.80 0.77
CA LEU B 186 -23.32 13.07 0.64
C LEU B 186 -22.44 13.08 -0.61
N SER B 187 -22.12 14.29 -1.07
CA SER B 187 -21.30 14.43 -2.27
C SER B 187 -19.90 13.86 -2.03
N GLU B 188 -19.46 12.99 -2.93
CA GLU B 188 -18.15 12.36 -2.77
C GLU B 188 -17.00 13.35 -2.88
N ALA B 189 -17.25 14.54 -3.43
CA ALA B 189 -16.23 15.58 -3.41
C ALA B 189 -15.93 15.97 -1.98
N GLY B 190 -14.68 15.76 -1.55
CA GLY B 190 -14.29 15.93 -0.17
C GLY B 190 -14.10 14.63 0.58
N PHE B 191 -14.50 13.50 0.00
CA PHE B 191 -14.26 12.19 0.58
C PHE B 191 -13.59 11.22 -0.38
N LYS B 192 -13.31 11.65 -1.62
CA LYS B 192 -12.69 10.81 -2.63
C LYS B 192 -11.63 11.60 -3.37
N ALA B 193 -10.65 10.88 -3.92
CA ALA B 193 -9.78 11.44 -4.93
C ALA B 193 -10.57 11.64 -6.22
N SER B 194 -10.15 12.65 -7.00
CA SER B 194 -10.82 12.96 -8.25
C SER B 194 -10.50 11.91 -9.31
N ASN B 195 -9.39 12.08 -10.02
CA ASN B 195 -8.95 11.13 -11.04
C ASN B 195 -7.44 11.30 -11.23
N ASN B 196 -6.68 10.27 -10.87
CA ASN B 196 -5.22 10.34 -10.90
C ASN B 196 -4.72 11.54 -10.09
N ARG B 197 -5.38 11.78 -8.95
CA ARG B 197 -5.04 12.94 -8.13
C ARG B 197 -3.61 12.86 -7.60
N LEU B 198 -3.18 11.66 -7.18
CA LEU B 198 -1.82 11.48 -6.69
C LEU B 198 -0.80 11.77 -7.79
N PHE B 199 -1.02 11.20 -8.98
CA PHE B 199 -0.09 11.42 -10.10
C PHE B 199 -0.06 12.89 -10.50
N GLN B 200 -1.23 13.54 -10.56
CA GLN B 200 -1.27 14.94 -10.94
C GLN B 200 -0.58 15.81 -9.91
N LEU B 201 -0.78 15.53 -8.62
CA LEU B 201 -0.09 16.31 -7.59
C LEU B 201 1.42 16.08 -7.65
N VAL B 202 1.85 14.87 -7.96
CA VAL B 202 3.28 14.61 -8.10
C VAL B 202 3.86 15.38 -9.28
N LYS B 204 2.66 18.16 -10.58
CA LYS B 204 2.65 19.57 -10.21
C LYS B 204 3.77 19.90 -9.22
N GLY B 205 4.09 18.97 -8.33
CA GLY B 205 5.22 19.20 -7.43
C GLY B 205 6.54 19.21 -8.17
N LEU B 206 6.68 18.34 -9.18
CA LEU B 206 7.90 18.35 -9.98
C LEU B 206 8.01 19.64 -10.79
N LEU B 207 6.89 20.13 -11.33
CA LEU B 207 6.91 21.41 -12.03
C LEU B 207 7.20 22.56 -11.07
N TYR B 208 6.72 22.48 -9.83
CA TYR B 208 7.06 23.47 -8.82
C TYR B 208 8.55 23.47 -8.53
N GLU B 209 9.15 22.28 -8.40
CA GLU B 209 10.59 22.19 -8.24
C GLU B 209 11.31 22.80 -9.43
N CYS B 210 10.82 22.56 -10.64
CA CYS B 210 11.44 23.14 -11.83
C CYS B 210 11.37 24.66 -11.80
N CYS B 211 10.22 25.22 -11.42
CA CYS B 211 10.08 26.67 -11.37
C CYS B 211 10.98 27.28 -10.31
N VAL B 212 11.07 26.64 -9.14
CA VAL B 212 11.95 27.16 -8.10
C VAL B 212 13.42 27.06 -8.53
N GLU B 213 13.79 25.98 -9.21
CA GLU B 213 15.15 25.84 -9.70
C GLU B 213 15.47 26.90 -10.76
N PHE B 214 14.49 27.22 -11.61
CA PHE B 214 14.69 28.26 -12.62
C PHE B 214 14.83 29.63 -11.96
N CYS B 215 14.01 29.92 -10.95
CA CYS B 215 14.12 31.20 -10.26
C CYS B 215 15.43 31.33 -9.50
N GLN B 216 15.94 30.22 -8.95
CA GLN B 216 17.22 30.26 -8.24
C GLN B 216 18.40 30.34 -9.19
N SER B 217 18.29 29.74 -10.38
CA SER B 217 19.43 29.72 -11.31
C SER B 217 19.62 31.07 -11.97
N LYS B 218 18.53 31.77 -12.29
CA LYS B 218 18.64 33.04 -12.98
C LYS B 218 19.09 34.15 -12.04
N ALA B 219 18.60 34.15 -10.80
CA ALA B 219 19.01 35.15 -9.82
C ALA B 219 20.44 34.96 -9.34
N THR B 220 21.05 33.80 -9.60
CA THR B 220 22.42 33.53 -9.21
C THR B 220 23.35 33.39 -10.42
N GLY B 221 22.97 33.94 -11.56
CA GLY B 221 23.78 33.86 -12.76
C GLY B 221 23.84 32.47 -13.36
N THR B 225 17.87 28.19 -18.29
CA THR B 225 17.75 27.35 -19.48
C THR B 225 16.29 26.96 -19.71
N GLU B 226 15.98 26.54 -20.93
CA GLU B 226 14.59 26.23 -21.30
C GLU B 226 14.28 24.75 -21.05
N SER B 227 14.93 23.86 -21.81
CA SER B 227 14.65 22.44 -21.74
C SER B 227 15.49 21.70 -20.71
N GLU B 228 16.64 22.26 -20.32
CA GLU B 228 17.49 21.60 -19.33
C GLU B 228 16.81 21.54 -17.96
N VAL B 229 15.95 22.52 -17.67
CA VAL B 229 15.18 22.47 -16.42
C VAL B 229 14.17 21.33 -16.46
N LEU B 230 13.51 21.14 -17.60
CA LEU B 230 12.56 20.04 -17.74
C LEU B 230 13.26 18.68 -17.77
N LEU B 231 14.51 18.64 -18.20
CA LEU B 231 15.28 17.40 -18.24
C LEU B 231 16.08 17.17 -16.96
N GLY B 232 16.04 18.10 -16.01
CA GLY B 232 16.72 17.92 -14.75
C GLY B 232 15.78 17.54 -13.63
N ILE B 233 14.74 16.78 -13.97
CA ILE B 233 13.73 16.37 -12.99
C ILE B 233 14.15 15.05 -12.36
N ASP B 234 14.19 15.03 -11.03
CA ASP B 234 14.49 13.82 -10.27
C ASP B 234 13.26 13.49 -9.43
N LEU B 235 12.59 12.38 -9.76
CA LEU B 235 11.35 12.05 -9.07
C LEU B 235 11.63 11.49 -7.68
N LEU B 236 12.66 10.65 -7.55
CA LEU B 236 12.93 9.98 -6.28
C LEU B 236 13.56 10.93 -5.26
N CYS B 237 14.58 11.69 -5.67
CA CYS B 237 15.32 12.55 -4.75
C CYS B 237 15.06 14.03 -4.96
N GLY B 238 14.92 14.48 -6.20
CA GLY B 238 14.68 15.89 -6.46
C GLY B 238 15.94 16.73 -6.58
N ASN B 239 17.04 16.15 -7.04
CA ASN B 239 18.31 16.86 -7.17
C ASN B 239 18.72 17.50 -5.85
N GLY B 240 18.61 18.83 -5.78
CA GLY B 240 18.89 19.54 -4.56
C GLY B 240 17.91 19.20 -3.45
N CYS B 241 18.39 18.55 -2.40
CA CYS B 241 17.54 18.09 -1.30
C CYS B 241 17.14 19.29 -0.44
N ASP B 242 16.00 19.88 -0.78
CA ASP B 242 15.42 20.99 -0.03
C ASP B 242 14.11 20.54 0.62
N ASP B 243 13.38 21.50 1.18
CA ASP B 243 12.12 21.19 1.83
C ASP B 243 11.03 22.18 1.40
N LEU B 244 9.91 22.18 2.11
CA LEU B 244 8.75 23.01 1.76
C LEU B 244 8.86 24.37 2.43
N ASP B 245 8.88 25.43 1.63
CA ASP B 245 8.89 26.79 2.14
C ASP B 245 8.12 27.68 1.18
N LEU B 246 7.39 28.66 1.73
CA LEU B 246 6.55 29.56 0.95
C LEU B 246 7.44 30.66 0.37
N SER B 247 8.05 30.39 -0.78
CA SER B 247 8.89 31.35 -1.46
C SER B 247 8.33 31.77 -2.82
N LEU B 248 8.02 30.80 -3.68
CA LEU B 248 7.50 31.14 -5.01
C LEU B 248 6.17 31.88 -4.91
N LEU B 249 5.30 31.45 -3.98
CA LEU B 249 4.03 32.15 -3.78
C LEU B 249 4.27 33.59 -3.33
N SER B 250 5.12 33.77 -2.31
CA SER B 250 5.41 35.12 -1.83
C SER B 250 6.19 35.92 -2.87
N TRP B 251 6.95 35.26 -3.73
CA TRP B 251 7.70 35.98 -4.76
C TRP B 251 6.78 36.46 -5.86
N LEU B 252 5.75 35.67 -6.20
CA LEU B 252 4.80 36.10 -7.23
C LEU B 252 3.91 37.24 -6.74
N GLN B 253 3.68 37.33 -5.43
CA GLN B 253 2.83 38.39 -4.90
C GLN B 253 3.53 39.74 -4.96
N ASN B 254 4.83 39.78 -4.66
CA ASN B 254 5.58 41.03 -4.66
C ASN B 254 5.86 41.55 -6.06
N LEU B 255 5.62 40.74 -7.09
CA LEU B 255 5.83 41.19 -8.46
C LEU B 255 4.83 42.28 -8.84
N PRO B 256 5.22 43.22 -9.69
CA PRO B 256 4.28 44.27 -10.12
C PRO B 256 3.15 43.70 -10.97
N SER B 257 2.01 44.37 -10.90
CA SER B 257 0.81 43.89 -11.59
C SER B 257 0.92 44.00 -13.11
N SER B 258 1.85 44.82 -13.61
CA SER B 258 2.02 44.98 -15.06
C SER B 258 2.69 43.80 -15.72
N VAL B 259 3.04 42.75 -14.96
CA VAL B 259 3.68 41.58 -15.55
C VAL B 259 2.66 40.50 -15.91
N PHE B 260 1.57 40.38 -15.14
CA PHE B 260 0.56 39.38 -15.40
C PHE B 260 -0.26 39.66 -16.64
N SER B 261 -0.09 40.83 -17.26
CA SER B 261 -0.84 41.18 -18.46
C SER B 261 -0.22 40.62 -19.74
N CYS B 262 1.00 40.11 -19.67
CA CYS B 262 1.69 39.56 -20.83
C CYS B 262 1.64 38.04 -20.81
N ALA B 263 2.22 37.43 -21.83
CA ALA B 263 2.27 35.97 -21.94
C ALA B 263 3.42 35.53 -22.85
N LEU B 269 2.27 19.74 -22.18
CA LEU B 269 3.53 19.04 -21.92
C LEU B 269 3.31 17.56 -22.17
N ASN B 270 4.13 16.97 -23.03
CA ASN B 270 4.03 15.55 -23.34
C ASN B 270 4.63 14.76 -22.18
N ILE B 271 3.78 14.07 -21.43
CA ILE B 271 4.21 13.22 -20.32
C ILE B 271 4.13 11.78 -20.80
N HIS B 272 5.27 11.12 -20.89
CA HIS B 272 5.34 9.72 -21.33
C HIS B 272 5.49 8.85 -20.10
N VAL B 273 4.38 8.25 -19.68
CA VAL B 273 4.39 7.34 -18.54
C VAL B 273 4.81 5.96 -19.01
N ASP B 274 5.47 5.21 -18.12
CA ASP B 274 5.98 3.88 -18.42
C ASP B 274 5.33 2.90 -17.45
N LYS B 275 4.48 2.02 -17.96
CA LYS B 275 3.79 1.06 -17.12
C LYS B 275 4.76 0.00 -16.62
N LEU B 276 4.27 -0.83 -15.69
CA LEU B 276 5.06 -1.89 -15.08
C LEU B 276 4.29 -3.20 -15.14
N LEU B 277 4.97 -4.28 -14.79
CA LEU B 277 4.38 -5.61 -14.79
C LEU B 277 5.14 -6.47 -13.80
N LYS B 278 4.41 -7.30 -13.05
CA LYS B 278 5.00 -8.21 -12.08
C LYS B 278 4.52 -9.62 -12.36
N PRO B 279 5.40 -10.54 -12.77
CA PRO B 279 4.97 -11.92 -13.03
C PRO B 279 4.48 -12.59 -11.76
N THR B 280 3.27 -13.14 -11.83
CA THR B 280 2.66 -13.81 -10.68
C THR B 280 3.37 -15.14 -10.37
N LEU B 287 -1.10 -15.65 -2.43
CA LEU B 287 -1.97 -14.88 -1.55
C LEU B 287 -2.91 -15.80 -0.78
N LEU B 288 -2.84 -15.74 0.55
CA LEU B 288 -3.67 -16.54 1.43
C LEU B 288 -4.51 -15.61 2.30
N THR B 289 -5.47 -14.93 1.66
CA THR B 289 -6.41 -14.05 2.35
C THR B 289 -7.60 -14.82 2.96
N PRO B 290 -8.19 -15.80 2.27
CA PRO B 290 -9.36 -16.48 2.87
C PRO B 290 -9.06 -17.23 4.15
N LEU B 291 -7.79 -17.48 4.48
CA LEU B 291 -7.49 -18.12 5.76
C LEU B 291 -7.78 -17.19 6.93
N ILE B 292 -7.59 -15.88 6.74
CA ILE B 292 -7.89 -14.92 7.80
C ILE B 292 -9.38 -14.72 7.96
N SER B 293 -10.18 -15.08 6.95
CA SER B 293 -11.63 -14.95 7.05
C SER B 293 -12.24 -16.12 7.80
N LYS B 294 -11.69 -17.32 7.62
CA LYS B 294 -12.19 -18.49 8.33
C LYS B 294 -11.85 -18.41 9.82
N LEU B 295 -10.63 -17.99 10.14
CA LEU B 295 -10.21 -17.86 11.54
C LEU B 295 -10.67 -16.52 12.12
#